data_7EA1
#
_entry.id   7EA1
#
_cell.length_a   83.795
_cell.length_b   136.904
_cell.length_c   42.240
_cell.angle_alpha   90.000
_cell.angle_beta   90.000
_cell.angle_gamma   90.000
#
_symmetry.space_group_name_H-M   'P 21 21 21'
#
loop_
_entity.id
_entity.type
_entity.pdbx_description
1 polymer Spindlin-1
2 polymer 'Peptide from Spindlin interactor and repressor of chromatin-binding protein'
3 water water
#
loop_
_entity_poly.entity_id
_entity_poly.type
_entity_poly.pdbx_seq_one_letter_code
_entity_poly.pdbx_strand_id
1 'polypeptide(L)'
;GSRRNIVGCRIQHGWKEGNGPVTQWKGTVLDQVPVNPSLYLIKYDGFDCVYGLELNKDERVSALEVLPDRVATSRISDAH
LADTMIGKAVEHMFETEDGSKDEWRGMVLARAPVMNTWFYITYEKDPVLYMYQLLDDYKEGDLRIMPDSNDSPPAEREPG
EVVDSLVGKQVEYAKEDGSKRTGMVIHQVEAKPSVYFIKFDDDFHIYVYDLVKTS
;
A,C
2 'polypeptide(L)' VRKKRGRPMTKN B,D
#
# COMPACT_ATOMS: atom_id res chain seq x y z
N GLY A 1 -18.91 22.55 19.43
CA GLY A 1 -17.82 21.81 18.82
C GLY A 1 -18.31 20.76 17.85
N SER A 2 -17.74 19.56 17.94
CA SER A 2 -18.18 18.48 17.06
C SER A 2 -19.56 17.97 17.47
N ARG A 3 -19.85 17.99 18.76
CA ARG A 3 -21.17 17.67 19.32
C ARG A 3 -21.56 16.22 19.11
N ARG A 4 -20.63 15.38 18.68
CA ARG A 4 -20.75 13.93 18.60
C ARG A 4 -19.34 13.36 18.46
N ASN A 5 -19.10 12.24 19.13
CA ASN A 5 -17.75 11.70 19.29
C ASN A 5 -17.53 10.55 18.32
N ILE A 6 -16.57 10.71 17.41
CA ILE A 6 -16.25 9.68 16.42
C ILE A 6 -15.06 8.82 16.87
N VAL A 7 -14.60 8.99 18.11
CA VAL A 7 -13.56 8.11 18.64
C VAL A 7 -14.13 6.71 18.76
N GLY A 8 -13.39 5.72 18.26
CA GLY A 8 -13.86 4.36 18.19
C GLY A 8 -14.77 4.06 17.03
N CYS A 9 -15.03 5.03 16.15
CA CYS A 9 -15.90 4.82 15.01
C CYS A 9 -15.09 4.42 13.78
N ARG A 10 -15.75 3.72 12.87
CA ARG A 10 -15.18 3.41 11.55
C ARG A 10 -15.48 4.56 10.60
N ILE A 11 -14.45 5.05 9.93
CA ILE A 11 -14.58 6.16 9.00
C ILE A 11 -14.09 5.71 7.63
N GLN A 12 -14.59 6.37 6.60
CA GLN A 12 -14.07 6.18 5.25
C GLN A 12 -14.24 7.47 4.46
N HIS A 13 -13.28 7.72 3.59
CA HIS A 13 -13.21 8.97 2.84
C HIS A 13 -12.25 8.80 1.66
N GLY A 14 -12.36 9.70 0.69
CA GLY A 14 -11.39 9.73 -0.38
C GLY A 14 -10.16 10.52 -0.02
N TRP A 15 -9.09 10.27 -0.77
CA TRP A 15 -7.80 10.93 -0.55
C TRP A 15 -7.43 11.68 -1.83
N LYS A 16 -7.58 13.00 -1.80
CA LYS A 16 -7.51 13.83 -3.01
C LYS A 16 -6.22 14.63 -3.00
N GLU A 17 -5.11 13.98 -3.36
CA GLU A 17 -3.84 14.69 -3.52
C GLU A 17 -3.62 15.17 -4.96
N GLY A 18 -4.59 15.01 -5.84
CA GLY A 18 -4.42 15.48 -7.20
C GLY A 18 -5.57 15.05 -8.09
N ASN A 19 -5.47 15.45 -9.36
CA ASN A 19 -6.55 15.27 -10.33
C ASN A 19 -6.56 13.89 -10.98
N GLY A 20 -5.93 12.89 -10.37
CA GLY A 20 -5.93 11.55 -10.91
C GLY A 20 -6.88 10.64 -10.16
N PRO A 21 -6.63 9.33 -10.22
CA PRO A 21 -7.47 8.39 -9.47
C PRO A 21 -7.40 8.64 -7.97
N VAL A 22 -8.57 8.57 -7.33
CA VAL A 22 -8.73 8.95 -5.93
C VAL A 22 -8.93 7.70 -5.11
N THR A 23 -7.94 7.36 -4.28
CA THR A 23 -8.04 6.17 -3.42
C THR A 23 -9.07 6.42 -2.32
N GLN A 24 -9.59 5.31 -1.79
CA GLN A 24 -10.62 5.34 -0.76
C GLN A 24 -10.10 4.62 0.47
N TRP A 25 -10.01 5.35 1.59
CA TRP A 25 -9.42 4.81 2.81
C TRP A 25 -10.52 4.42 3.79
N LYS A 26 -10.37 3.26 4.43
CA LYS A 26 -11.18 2.87 5.56
C LYS A 26 -10.29 2.82 6.80
N GLY A 27 -10.87 3.16 7.95
CA GLY A 27 -10.04 3.16 9.15
C GLY A 27 -10.87 3.26 10.41
N THR A 28 -10.17 3.09 11.53
CA THR A 28 -10.71 3.18 12.88
C THR A 28 -10.11 4.37 13.59
N VAL A 29 -10.94 5.24 14.13
CA VAL A 29 -10.47 6.45 14.80
C VAL A 29 -10.01 6.07 16.20
N LEU A 30 -8.71 6.22 16.46
CA LEU A 30 -8.13 5.72 17.71
C LEU A 30 -8.22 6.76 18.82
N ASP A 31 -8.00 8.03 18.52
CA ASP A 31 -7.98 9.03 19.58
C ASP A 31 -8.24 10.40 18.99
N GLN A 32 -8.82 11.26 19.82
CA GLN A 32 -8.89 12.69 19.56
C GLN A 32 -7.93 13.37 20.53
N VAL A 33 -6.98 14.12 20.00
CA VAL A 33 -5.88 14.67 20.79
C VAL A 33 -6.40 15.74 21.73
N PRO A 34 -6.26 15.55 23.05
CA PRO A 34 -6.72 16.56 24.01
C PRO A 34 -6.25 17.98 23.74
N VAL A 35 -4.95 18.15 23.41
CA VAL A 35 -4.40 19.48 23.21
C VAL A 35 -4.71 20.07 21.85
N ASN A 36 -5.36 19.31 20.96
CA ASN A 36 -5.86 19.79 19.67
C ASN A 36 -7.04 18.93 19.27
N PRO A 37 -8.27 19.33 19.65
CA PRO A 37 -9.42 18.45 19.41
C PRO A 37 -9.76 18.23 17.94
N SER A 38 -9.14 18.98 17.02
CA SER A 38 -9.37 18.76 15.59
C SER A 38 -8.53 17.63 15.03
N LEU A 39 -7.44 17.28 15.73
CA LEU A 39 -6.52 16.23 15.28
C LEU A 39 -6.96 14.87 15.79
N TYR A 40 -7.13 13.92 14.86
CA TYR A 40 -7.49 12.55 15.20
C TYR A 40 -6.39 11.59 14.78
N LEU A 41 -6.17 10.56 15.58
CA LEU A 41 -5.26 9.49 15.24
C LEU A 41 -6.10 8.32 14.74
N ILE A 42 -5.72 7.76 13.60
CA ILE A 42 -6.56 6.82 12.87
C ILE A 42 -5.72 5.62 12.45
N LYS A 43 -6.26 4.42 12.67
CA LYS A 43 -5.69 3.20 12.12
C LYS A 43 -6.43 2.87 10.84
N TYR A 44 -5.76 3.06 9.70
CA TYR A 44 -6.34 2.78 8.40
C TYR A 44 -6.01 1.37 8.00
N ASP A 45 -7.02 0.64 7.53
CA ASP A 45 -6.81 -0.68 6.93
C ASP A 45 -5.72 -0.60 5.88
N GLY A 46 -4.71 -1.46 6.02
CA GLY A 46 -3.61 -1.50 5.08
C GLY A 46 -2.46 -0.57 5.38
N PHE A 47 -2.51 0.21 6.45
CA PHE A 47 -1.42 1.07 6.87
C PHE A 47 -0.83 0.56 8.17
N ASP A 48 0.48 0.39 8.21
CA ASP A 48 1.15 0.03 9.46
C ASP A 48 1.43 1.23 10.34
N CYS A 49 1.29 2.45 9.84
CA CYS A 49 1.56 3.66 10.59
C CYS A 49 0.26 4.32 11.04
N VAL A 50 0.23 4.76 12.30
CA VAL A 50 -0.89 5.59 12.76
C VAL A 50 -0.84 6.93 12.05
N TYR A 51 -2.00 7.39 11.61
CA TYR A 51 -2.09 8.64 10.85
C TYR A 51 -2.76 9.71 11.69
N GLY A 52 -2.22 10.93 11.61
CA GLY A 52 -2.82 12.09 12.25
C GLY A 52 -3.36 13.07 11.23
N LEU A 53 -4.68 13.17 11.16
CA LEU A 53 -5.34 14.03 10.19
C LEU A 53 -6.42 14.83 10.88
N GLU A 54 -6.48 16.12 10.59
CA GLU A 54 -7.59 16.96 11.03
C GLU A 54 -8.75 16.65 10.10
N LEU A 55 -9.52 15.61 10.49
CA LEU A 55 -10.37 14.91 9.54
C LEU A 55 -11.46 15.80 8.95
N ASN A 56 -11.86 16.85 9.65
CA ASN A 56 -12.94 17.73 9.20
C ASN A 56 -12.44 19.00 8.53
N LYS A 57 -11.14 19.29 8.59
CA LYS A 57 -10.58 20.49 7.99
C LYS A 57 -9.71 20.22 6.79
N ASP A 58 -9.07 19.05 6.71
CA ASP A 58 -8.13 18.75 5.63
C ASP A 58 -8.88 18.61 4.30
N GLU A 59 -8.37 19.25 3.26
CA GLU A 59 -9.00 19.15 1.96
C GLU A 59 -8.68 17.85 1.25
N ARG A 60 -7.64 17.13 1.67
CA ARG A 60 -7.35 15.82 1.12
C ARG A 60 -8.38 14.78 1.51
N VAL A 61 -9.11 15.00 2.60
CA VAL A 61 -10.11 14.08 3.10
C VAL A 61 -11.45 14.45 2.47
N SER A 62 -11.81 13.76 1.39
CA SER A 62 -12.99 14.07 0.62
C SER A 62 -14.13 13.10 0.94
N ALA A 63 -15.35 13.64 1.01
CA ALA A 63 -16.57 12.87 1.25
C ALA A 63 -16.42 11.97 2.48
N LEU A 64 -16.10 12.59 3.60
CA LEU A 64 -15.85 11.84 4.83
C LEU A 64 -17.16 11.29 5.39
N GLU A 65 -17.16 9.99 5.71
CA GLU A 65 -18.31 9.31 6.28
C GLU A 65 -17.91 8.63 7.58
N VAL A 66 -18.80 8.66 8.56
CA VAL A 66 -18.64 7.91 9.79
C VAL A 66 -19.67 6.80 9.80
N LEU A 67 -19.20 5.57 9.85
CA LEU A 67 -20.06 4.40 9.84
C LEU A 67 -20.74 4.24 11.20
N PRO A 68 -21.97 3.71 11.23
CA PRO A 68 -22.64 3.51 12.52
C PRO A 68 -21.96 2.48 13.38
N ASP A 69 -21.29 1.50 12.77
CA ASP A 69 -20.61 0.43 13.49
C ASP A 69 -19.46 0.99 14.31
N ARG A 70 -19.59 0.94 15.63
CA ARG A 70 -18.43 1.16 16.49
C ARG A 70 -17.62 -0.13 16.56
N VAL A 71 -16.36 0.01 16.91
CA VAL A 71 -15.51 -1.14 17.20
C VAL A 71 -15.51 -1.35 18.71
N ALA A 72 -15.93 -2.54 19.13
CA ALA A 72 -15.93 -2.85 20.54
C ALA A 72 -14.50 -3.04 21.05
N THR A 73 -14.36 -3.11 22.37
CA THR A 73 -13.08 -3.38 22.99
C THR A 73 -12.91 -4.89 23.10
N SER A 74 -12.01 -5.42 22.33
CA SER A 74 -11.74 -6.86 22.44
C SER A 74 -10.84 -7.03 23.64
N ARG A 75 -11.36 -7.58 24.72
CA ARG A 75 -10.56 -7.63 25.96
C ARG A 75 -9.28 -8.44 25.85
N ILE A 76 -8.32 -7.99 26.65
CA ILE A 76 -6.95 -8.52 26.65
C ILE A 76 -6.90 -10.03 26.76
N SER A 77 -6.23 -10.67 25.80
CA SER A 77 -6.08 -12.13 25.82
C SER A 77 -5.11 -12.57 26.91
N ASP A 78 -3.86 -12.10 26.83
CA ASP A 78 -2.81 -12.39 27.79
C ASP A 78 -2.43 -11.06 28.45
N ALA A 79 -3.16 -10.70 29.51
CA ALA A 79 -3.02 -9.37 30.10
C ALA A 79 -1.60 -9.12 30.59
N HIS A 80 -1.08 -10.00 31.44
CA HIS A 80 0.21 -9.75 32.07
C HIS A 80 1.34 -9.74 31.05
N LEU A 81 1.31 -10.66 30.08
CA LEU A 81 2.27 -10.62 28.99
C LEU A 81 2.20 -9.29 28.26
N ALA A 82 1.01 -8.95 27.75
CA ALA A 82 0.74 -7.65 27.13
C ALA A 82 1.24 -6.50 28.00
N ASP A 83 1.01 -6.61 29.32
CA ASP A 83 1.37 -5.52 30.23
C ASP A 83 2.85 -5.52 30.59
N THR A 84 3.51 -6.68 30.57
CA THR A 84 4.97 -6.68 30.71
C THR A 84 5.66 -6.40 29.39
N MET A 85 4.93 -6.50 28.27
CA MET A 85 5.47 -6.13 26.97
C MET A 85 5.72 -4.62 26.88
N ILE A 86 4.83 -3.83 27.48
CA ILE A 86 4.82 -2.38 27.27
C ILE A 86 6.10 -1.78 27.82
N GLY A 87 6.86 -1.11 26.95
CA GLY A 87 8.05 -0.39 27.35
C GLY A 87 9.35 -1.10 27.08
N LYS A 88 9.32 -2.38 26.69
CA LYS A 88 10.55 -3.13 26.50
C LYS A 88 11.15 -2.88 25.12
N ALA A 89 12.46 -3.02 25.02
CA ALA A 89 13.15 -3.03 23.75
C ALA A 89 12.94 -4.37 23.07
N VAL A 90 12.65 -4.35 21.76
CA VAL A 90 12.27 -5.55 21.04
C VAL A 90 12.97 -5.64 19.70
N GLU A 91 13.05 -6.86 19.18
CA GLU A 91 13.52 -7.16 17.84
C GLU A 91 12.34 -7.66 17.03
N HIS A 92 11.88 -6.85 16.07
CA HIS A 92 10.72 -7.19 15.26
C HIS A 92 11.18 -7.72 13.91
N MET A 93 10.69 -8.90 13.54
CA MET A 93 11.12 -9.62 12.34
C MET A 93 10.00 -9.63 11.32
N PHE A 94 10.29 -9.11 10.13
CA PHE A 94 9.37 -9.13 9.01
C PHE A 94 10.01 -9.86 7.84
N GLU A 95 9.17 -10.52 7.05
CA GLU A 95 9.65 -11.16 5.80
C GLU A 95 9.68 -10.05 4.77
N THR A 96 10.64 -10.04 3.83
CA THR A 96 10.59 -8.96 2.80
C THR A 96 9.82 -9.42 1.55
N GLU A 97 10.02 -8.74 0.42
CA GLU A 97 9.32 -9.24 -0.78
C GLU A 97 9.89 -10.60 -1.16
N ASP A 98 11.22 -10.70 -1.06
CA ASP A 98 12.00 -11.93 -1.38
C ASP A 98 11.57 -13.06 -0.45
N GLY A 99 11.27 -12.73 0.80
CA GLY A 99 10.95 -13.76 1.80
C GLY A 99 12.13 -13.93 2.72
N SER A 100 13.15 -13.10 2.56
CA SER A 100 14.30 -13.16 3.49
C SER A 100 13.94 -12.38 4.74
N LYS A 101 14.69 -12.59 5.82
CA LYS A 101 14.43 -11.94 7.10
C LYS A 101 14.68 -10.44 7.02
N ASP A 102 14.06 -9.70 7.95
CA ASP A 102 14.25 -8.26 8.08
C ASP A 102 13.96 -7.90 9.53
N GLU A 103 15.01 -7.70 10.32
CA GLU A 103 14.90 -7.50 11.75
C GLU A 103 15.09 -6.02 12.10
N TRP A 104 14.16 -5.46 12.87
CA TRP A 104 14.10 -4.04 13.17
C TRP A 104 14.10 -3.84 14.68
N ARG A 105 15.05 -3.04 15.17
CA ARG A 105 15.18 -2.75 16.59
C ARG A 105 14.20 -1.64 16.98
N GLY A 106 13.30 -1.94 17.91
CA GLY A 106 12.29 -0.98 18.31
C GLY A 106 11.93 -0.99 19.78
N MET A 107 10.90 -0.23 20.13
CA MET A 107 10.40 -0.17 21.50
C MET A 107 8.88 -0.21 21.48
N VAL A 108 8.30 -1.09 22.26
CA VAL A 108 6.85 -1.11 22.45
C VAL A 108 6.47 0.04 23.37
N LEU A 109 5.46 0.81 22.98
CA LEU A 109 5.11 2.05 23.66
C LEU A 109 3.96 1.89 24.64
N ALA A 110 2.85 1.31 24.20
CA ALA A 110 1.64 1.24 25.00
C ALA A 110 0.64 0.35 24.28
N ARG A 111 -0.46 0.06 24.96
CA ARG A 111 -1.61 -0.58 24.32
C ARG A 111 -2.38 0.47 23.52
N ALA A 112 -2.65 0.16 22.26
CA ALA A 112 -3.41 1.08 21.44
C ALA A 112 -4.81 1.28 22.03
N PRO A 113 -5.29 2.51 22.11
CA PRO A 113 -6.69 2.72 22.49
C PRO A 113 -7.63 2.19 21.42
N VAL A 114 -8.86 1.86 21.85
CA VAL A 114 -9.94 1.45 20.97
C VAL A 114 -9.67 0.07 20.37
N MET A 115 -8.58 -0.09 19.63
CA MET A 115 -8.21 -1.37 19.05
C MET A 115 -7.29 -2.12 20.02
N ASN A 116 -7.93 -2.65 21.06
CA ASN A 116 -7.26 -3.04 22.29
C ASN A 116 -6.36 -4.27 22.14
N THR A 117 -6.46 -5.03 21.05
CA THR A 117 -5.53 -6.13 20.82
C THR A 117 -4.28 -5.68 20.07
N TRP A 118 -4.07 -4.37 19.95
CA TRP A 118 -2.96 -3.80 19.21
C TRP A 118 -2.08 -2.94 20.12
N PHE A 119 -0.80 -2.83 19.76
CA PHE A 119 0.18 -2.12 20.56
C PHE A 119 0.86 -1.02 19.75
N TYR A 120 0.87 0.19 20.29
CA TYR A 120 1.75 1.23 19.75
C TYR A 120 3.20 0.77 19.84
N ILE A 121 3.96 1.02 18.79
CA ILE A 121 5.38 0.69 18.78
C ILE A 121 6.07 1.58 17.76
N THR A 122 7.33 1.90 18.03
CA THR A 122 8.16 2.66 17.10
C THR A 122 9.51 1.97 16.98
N TYR A 123 10.29 2.39 16.00
CA TYR A 123 11.51 1.67 15.64
C TYR A 123 12.69 2.63 15.56
N GLU A 124 13.88 2.09 15.84
CA GLU A 124 15.08 2.91 15.82
C GLU A 124 15.32 3.51 14.44
N LYS A 125 15.22 2.69 13.40
CA LYS A 125 15.45 3.14 12.04
C LYS A 125 14.23 3.81 11.42
N ASP A 126 13.16 4.01 12.18
CA ASP A 126 11.99 4.75 11.72
C ASP A 126 11.18 5.23 12.92
N PRO A 127 11.53 6.38 13.51
CA PRO A 127 10.89 6.82 14.76
C PRO A 127 9.52 7.47 14.55
N VAL A 128 8.61 6.70 13.95
CA VAL A 128 7.21 7.10 13.85
C VAL A 128 6.35 6.04 14.52
N LEU A 129 5.06 6.33 14.64
CA LEU A 129 4.14 5.50 15.40
C LEU A 129 3.61 4.36 14.53
N TYR A 130 4.01 3.14 14.86
CA TYR A 130 3.49 1.95 14.22
C TYR A 130 2.46 1.29 15.13
N MET A 131 1.75 0.31 14.56
CA MET A 131 0.67 -0.37 15.26
C MET A 131 0.60 -1.80 14.78
N TYR A 132 0.74 -2.74 15.70
CA TYR A 132 0.77 -4.15 15.37
C TYR A 132 0.11 -4.96 16.47
N GLN A 133 -0.47 -6.09 16.08
CA GLN A 133 -0.96 -7.11 17.01
C GLN A 133 0.25 -7.93 17.44
N LEU A 134 0.90 -7.51 18.53
CA LEU A 134 2.22 -8.03 18.87
C LEU A 134 2.19 -9.40 19.55
N LEU A 135 1.03 -9.84 20.07
CA LEU A 135 0.96 -11.13 20.73
C LEU A 135 1.26 -12.26 19.74
N ASP A 136 0.64 -12.22 18.57
CA ASP A 136 0.86 -13.25 17.55
C ASP A 136 2.34 -13.36 17.20
N ASP A 137 2.95 -12.24 16.84
CA ASP A 137 4.36 -12.25 16.44
C ASP A 137 5.26 -12.74 17.55
N TYR A 138 4.87 -12.55 18.82
CA TYR A 138 5.67 -13.05 19.93
C TYR A 138 5.57 -14.56 20.06
N LYS A 139 4.37 -15.11 19.92
CA LYS A 139 4.22 -16.56 20.00
C LYS A 139 4.73 -17.25 18.74
N GLU A 140 4.72 -16.54 17.61
CA GLU A 140 5.35 -17.03 16.40
C GLU A 140 6.87 -16.88 16.43
N GLY A 141 7.40 -16.09 17.36
CA GLY A 141 8.83 -15.88 17.45
C GLY A 141 9.36 -14.76 16.60
N ASP A 142 8.48 -14.03 15.90
CA ASP A 142 8.90 -12.87 15.12
C ASP A 142 9.23 -11.66 15.98
N LEU A 143 9.00 -11.74 17.29
CA LEU A 143 9.28 -10.63 18.20
C LEU A 143 10.08 -11.15 19.39
N ARG A 144 11.16 -10.47 19.71
CA ARG A 144 12.07 -10.87 20.78
C ARG A 144 12.16 -9.78 21.83
N ILE A 145 11.79 -10.12 23.06
CA ILE A 145 11.92 -9.18 24.18
C ILE A 145 13.39 -9.12 24.56
N MET A 146 14.03 -7.99 24.27
CA MET A 146 15.45 -7.95 24.61
C MET A 146 15.63 -7.51 26.06
N PRO A 147 16.65 -8.05 26.75
CA PRO A 147 16.82 -7.72 28.16
C PRO A 147 17.31 -6.30 28.40
N ASP A 148 17.81 -5.63 27.36
CA ASP A 148 18.38 -4.30 27.52
C ASP A 148 17.31 -3.30 27.93
N SER A 149 17.51 -2.67 29.08
CA SER A 149 16.58 -1.65 29.56
C SER A 149 17.33 -0.47 30.17
N ASP A 164 6.49 17.49 35.02
CA ASP A 164 7.07 18.35 34.00
C ASP A 164 6.76 17.85 32.58
N SER A 165 5.48 17.58 32.33
CA SER A 165 5.06 17.15 31.00
C SER A 165 4.98 18.37 30.09
N LEU A 166 5.81 18.38 29.04
CA LEU A 166 5.73 19.43 28.03
C LEU A 166 4.77 19.04 26.91
N VAL A 167 3.67 18.39 27.25
CA VAL A 167 2.58 18.15 26.32
C VAL A 167 1.80 19.45 26.15
N GLY A 168 1.51 19.80 24.89
CA GLY A 168 0.76 20.99 24.60
C GLY A 168 1.59 22.20 24.22
N LYS A 169 2.91 22.05 24.06
CA LYS A 169 3.78 23.15 23.67
C LYS A 169 4.15 23.01 22.20
N GLN A 170 4.32 24.15 21.54
CA GLN A 170 4.79 24.14 20.16
C GLN A 170 6.26 23.72 20.11
N VAL A 171 6.68 23.26 18.93
CA VAL A 171 7.99 22.65 18.76
C VAL A 171 8.56 23.10 17.42
N GLU A 172 9.89 23.21 17.36
CA GLU A 172 10.58 23.60 16.13
C GLU A 172 11.81 22.75 15.93
N TYR A 173 12.01 22.30 14.69
CA TYR A 173 13.21 21.58 14.29
C TYR A 173 13.93 22.36 13.19
N ALA A 174 15.21 22.05 13.02
CA ALA A 174 16.03 22.60 11.96
C ALA A 174 16.62 21.43 11.17
N LYS A 175 16.19 21.26 9.94
CA LYS A 175 16.67 20.17 9.10
C LYS A 175 17.90 20.65 8.32
N GLU A 176 18.26 19.95 7.24
CA GLU A 176 19.52 20.22 6.56
C GLU A 176 19.55 21.62 5.95
N ASP A 177 18.44 22.02 5.31
CA ASP A 177 18.37 23.37 4.75
C ASP A 177 18.39 24.44 5.83
N GLY A 178 17.99 24.10 7.06
CA GLY A 178 18.01 25.04 8.16
C GLY A 178 16.74 25.85 8.29
N SER A 179 15.59 25.18 8.24
CA SER A 179 14.30 25.86 8.32
C SER A 179 13.46 25.24 9.42
N LYS A 180 12.63 26.08 10.04
CA LYS A 180 11.75 25.61 11.09
C LYS A 180 10.79 24.55 10.55
N ARG A 181 10.67 23.45 11.29
CA ARG A 181 9.62 22.45 11.10
C ARG A 181 8.71 22.58 12.31
N THR A 182 7.60 23.31 12.15
CA THR A 182 6.74 23.59 13.28
C THR A 182 5.87 22.38 13.63
N GLY A 183 5.62 22.21 14.92
CA GLY A 183 4.83 21.08 15.37
C GLY A 183 4.24 21.33 16.74
N MET A 184 3.65 20.28 17.30
CA MET A 184 3.09 20.31 18.64
C MET A 184 3.37 18.99 19.33
N VAL A 185 3.50 19.06 20.65
CA VAL A 185 3.57 17.86 21.48
C VAL A 185 2.16 17.47 21.89
N ILE A 186 1.81 16.20 21.67
CA ILE A 186 0.42 15.76 21.80
C ILE A 186 0.22 14.66 22.82
N HIS A 187 1.26 13.92 23.20
CA HIS A 187 1.10 12.76 24.07
CA HIS A 187 1.09 12.80 24.11
C HIS A 187 2.42 12.45 24.75
N GLN A 188 2.33 11.89 25.96
CA GLN A 188 3.47 11.37 26.68
C GLN A 188 3.22 9.89 26.92
N VAL A 189 4.25 9.07 26.81
CA VAL A 189 4.05 7.62 27.08
C VAL A 189 4.13 7.39 28.58
N GLU A 190 3.13 6.79 29.21
CA GLU A 190 3.18 6.64 30.67
C GLU A 190 4.38 5.79 31.01
N ALA A 191 4.61 4.72 30.28
CA ALA A 191 5.93 4.09 30.42
C ALA A 191 6.90 5.05 29.75
N LYS A 192 8.09 5.22 30.26
CA LYS A 192 9.06 6.15 29.63
C LYS A 192 8.48 7.54 29.44
N PRO A 193 8.08 8.26 30.48
CA PRO A 193 7.55 9.59 30.33
C PRO A 193 8.54 10.55 29.67
N SER A 194 9.80 10.18 29.46
CA SER A 194 10.66 11.08 28.72
C SER A 194 10.39 11.06 27.23
N VAL A 195 9.50 10.18 26.76
CA VAL A 195 9.24 9.97 25.34
C VAL A 195 7.86 10.51 24.99
N TYR A 196 7.77 11.17 23.83
CA TYR A 196 6.60 11.97 23.49
C TYR A 196 6.18 11.74 22.04
N PHE A 197 4.92 12.07 21.75
CA PHE A 197 4.37 12.06 20.39
C PHE A 197 4.34 13.49 19.87
N ILE A 198 4.77 13.69 18.62
CA ILE A 198 4.85 15.01 18.03
C ILE A 198 4.12 15.02 16.69
N LYS A 199 3.31 16.06 16.47
CA LYS A 199 2.57 16.24 15.22
C LYS A 199 3.08 17.50 14.53
N PHE A 200 3.80 17.31 13.44
CA PHE A 200 4.23 18.44 12.63
C PHE A 200 3.10 18.88 11.70
N ASP A 201 3.08 20.17 11.37
CA ASP A 201 2.02 20.70 10.51
C ASP A 201 2.06 20.11 9.11
N ASP A 202 3.25 19.73 8.65
CA ASP A 202 3.50 19.36 7.26
C ASP A 202 3.30 17.88 6.98
N ASP A 203 2.94 17.08 7.98
CA ASP A 203 2.88 15.64 7.77
C ASP A 203 1.82 15.04 8.67
N PHE A 204 1.36 13.85 8.27
CA PHE A 204 0.35 13.10 9.00
C PHE A 204 0.93 11.96 9.82
N HIS A 205 2.24 11.79 9.85
CA HIS A 205 2.85 10.75 10.68
C HIS A 205 3.09 11.28 12.10
N ILE A 206 2.93 10.39 13.06
CA ILE A 206 3.18 10.71 14.47
C ILE A 206 4.62 10.33 14.77
N TYR A 207 5.46 11.33 15.04
CA TYR A 207 6.86 11.10 15.32
C TYR A 207 7.08 10.89 16.81
N VAL A 208 8.05 10.06 17.14
CA VAL A 208 8.31 9.63 18.51
C VAL A 208 9.72 10.07 18.87
N TYR A 209 9.84 10.98 19.83
CA TYR A 209 11.12 11.49 20.28
C TYR A 209 11.29 11.31 21.77
N ASP A 210 12.54 11.11 22.19
CA ASP A 210 12.92 11.12 23.59
C ASP A 210 13.39 12.54 23.89
N LEU A 211 12.52 13.33 24.52
CA LEU A 211 12.83 14.74 24.72
C LEU A 211 13.81 14.94 25.88
N VAL A 212 13.51 14.36 27.03
CA VAL A 212 14.34 14.52 28.22
C VAL A 212 15.53 13.58 28.17
N LYS A 213 16.47 13.84 27.25
CA LYS A 213 17.57 12.92 26.99
C LYS A 213 18.92 13.44 27.46
N THR A 214 19.25 14.69 27.12
CA THR A 214 20.53 15.31 27.49
C THR A 214 21.71 14.49 26.98
N VAL B 1 12.05 3.51 1.83
CA VAL B 1 11.39 2.24 2.17
C VAL B 1 10.62 2.45 3.48
N ARG B 2 9.71 1.52 3.77
CA ARG B 2 8.85 1.56 4.95
C ARG B 2 7.94 2.79 4.87
N LYS B 3 7.92 3.63 5.91
CA LYS B 3 6.99 4.74 5.97
C LYS B 3 7.67 5.97 6.59
N LYS B 4 8.05 6.91 5.73
CA LYS B 4 8.46 8.26 6.10
C LYS B 4 9.71 8.24 6.99
N ARG B 5 10.81 7.85 6.36
CA ARG B 5 12.15 8.02 6.92
C ARG B 5 12.30 7.45 8.33
N GLY C 1 4.99 -28.22 1.23
CA GLY C 1 3.92 -27.25 1.05
C GLY C 1 2.92 -27.69 0.01
N SER C 2 2.27 -28.83 0.26
CA SER C 2 1.45 -29.49 -0.76
C SER C 2 0.16 -28.72 -0.98
N ARG C 3 0.04 -28.10 -2.16
CA ARG C 3 -1.17 -27.40 -2.57
C ARG C 3 -1.12 -27.22 -4.08
N ARG C 4 -2.17 -26.61 -4.63
CA ARG C 4 -2.26 -26.40 -6.07
C ARG C 4 -2.33 -24.91 -6.38
N ASN C 5 -1.56 -24.51 -7.39
CA ASN C 5 -1.53 -23.15 -7.90
C ASN C 5 -1.50 -23.23 -9.42
N ILE C 6 -2.33 -22.43 -10.09
CA ILE C 6 -2.43 -22.48 -11.54
C ILE C 6 -1.48 -21.51 -12.23
N VAL C 7 -0.67 -20.78 -11.47
CA VAL C 7 0.28 -19.84 -12.07
C VAL C 7 1.43 -20.60 -12.69
N GLY C 8 1.79 -20.23 -13.92
CA GLY C 8 2.95 -20.78 -14.59
C GLY C 8 2.68 -21.84 -15.64
N CYS C 9 1.48 -21.85 -16.25
CA CYS C 9 1.15 -22.86 -17.24
C CYS C 9 0.23 -22.25 -18.30
N ARG C 10 -0.04 -23.02 -19.36
CA ARG C 10 -0.64 -22.50 -20.58
C ARG C 10 -2.15 -22.68 -20.60
N ILE C 11 -2.90 -21.56 -20.67
CA ILE C 11 -4.36 -21.56 -20.64
C ILE C 11 -4.93 -21.71 -22.04
N GLN C 12 -6.12 -22.29 -22.11
CA GLN C 12 -7.01 -22.20 -23.27
C GLN C 12 -8.41 -21.93 -22.76
N HIS C 13 -9.13 -21.00 -23.41
CA HIS C 13 -10.50 -20.72 -23.06
C HIS C 13 -11.14 -19.89 -24.15
N GLY C 14 -12.47 -19.99 -24.25
CA GLY C 14 -13.23 -19.21 -25.19
C GLY C 14 -13.42 -17.77 -24.76
N TRP C 15 -14.20 -17.03 -25.56
CA TRP C 15 -14.40 -15.61 -25.32
C TRP C 15 -15.62 -15.15 -26.12
N LYS C 16 -16.70 -14.83 -25.40
CA LYS C 16 -17.98 -14.44 -26.02
C LYS C 16 -18.39 -13.07 -25.49
N GLU C 17 -17.79 -12.02 -26.06
CA GLU C 17 -18.07 -10.66 -25.61
C GLU C 17 -19.46 -10.18 -25.99
N GLY C 18 -20.13 -10.87 -26.91
CA GLY C 18 -21.50 -10.55 -27.27
C GLY C 18 -22.21 -11.73 -27.88
N ASN C 19 -23.04 -11.49 -28.89
CA ASN C 19 -23.66 -12.57 -29.66
C ASN C 19 -22.83 -12.98 -30.85
N GLY C 20 -21.60 -12.47 -30.97
CA GLY C 20 -20.72 -12.80 -32.06
C GLY C 20 -19.92 -14.06 -31.78
N PRO C 21 -18.89 -14.29 -32.60
CA PRO C 21 -18.21 -15.58 -32.54
C PRO C 21 -17.36 -15.73 -31.30
N VAL C 22 -17.16 -16.98 -30.91
CA VAL C 22 -16.26 -17.33 -29.82
C VAL C 22 -14.87 -17.54 -30.39
N THR C 23 -13.88 -16.89 -29.79
CA THR C 23 -12.49 -17.02 -30.19
C THR C 23 -11.72 -17.73 -29.08
N GLN C 24 -10.83 -18.64 -29.47
CA GLN C 24 -10.06 -19.43 -28.52
C GLN C 24 -8.75 -18.72 -28.21
N TRP C 25 -8.49 -18.46 -26.94
CA TRP C 25 -7.31 -17.76 -26.48
C TRP C 25 -6.36 -18.75 -25.82
N LYS C 26 -5.12 -18.79 -26.29
CA LYS C 26 -4.06 -19.55 -25.64
C LYS C 26 -3.20 -18.57 -24.84
N GLY C 27 -3.21 -18.70 -23.52
CA GLY C 27 -2.53 -17.77 -22.66
C GLY C 27 -1.90 -18.41 -21.43
N THR C 28 -1.19 -17.59 -20.65
CA THR C 28 -0.43 -18.10 -19.48
C THR C 28 -0.69 -17.28 -18.22
N VAL C 29 -1.44 -17.81 -17.25
CA VAL C 29 -1.75 -17.03 -16.01
C VAL C 29 -0.43 -16.71 -15.33
N LEU C 30 -0.25 -15.48 -14.86
CA LEU C 30 1.10 -15.20 -14.34
C LEU C 30 1.17 -14.37 -13.06
N ASP C 31 0.07 -14.10 -12.36
CA ASP C 31 0.25 -13.35 -11.09
C ASP C 31 -0.82 -13.72 -10.09
N GLN C 32 -0.64 -13.26 -8.86
CA GLN C 32 -1.51 -13.68 -7.78
C GLN C 32 -2.67 -12.72 -7.53
N VAL C 33 -2.43 -11.42 -7.61
CA VAL C 33 -3.37 -10.40 -7.11
C VAL C 33 -3.69 -10.74 -5.67
N PRO C 34 -2.78 -10.47 -4.73
CA PRO C 34 -3.04 -10.83 -3.32
C PRO C 34 -4.34 -10.25 -2.78
N VAL C 35 -4.65 -9.00 -3.13
CA VAL C 35 -5.79 -8.28 -2.58
C VAL C 35 -7.10 -8.74 -3.22
N ASN C 36 -7.01 -9.59 -4.24
CA ASN C 36 -8.20 -10.20 -4.84
C ASN C 36 -7.79 -11.55 -5.43
N PRO C 37 -7.95 -12.63 -4.67
CA PRO C 37 -7.45 -13.94 -5.13
C PRO C 37 -8.26 -14.55 -6.27
N SER C 38 -9.53 -14.22 -6.43
CA SER C 38 -10.29 -14.70 -7.58
C SER C 38 -9.99 -13.90 -8.84
N LEU C 39 -8.94 -13.09 -8.83
CA LEU C 39 -8.50 -12.32 -9.98
C LEU C 39 -7.08 -12.77 -10.34
N TYR C 40 -6.84 -13.01 -11.62
CA TYR C 40 -5.55 -13.45 -12.12
C TYR C 40 -5.11 -12.55 -13.26
N LEU C 41 -3.80 -12.44 -13.43
CA LEU C 41 -3.21 -11.76 -14.58
C LEU C 41 -2.78 -12.80 -15.62
N ILE C 42 -2.99 -12.48 -16.90
CA ILE C 42 -2.75 -13.44 -17.97
C ILE C 42 -2.03 -12.74 -19.12
N LYS C 43 -0.93 -13.36 -19.59
CA LYS C 43 -0.28 -12.97 -20.84
C LYS C 43 -0.74 -13.95 -21.92
N TYR C 44 -1.51 -13.45 -22.87
CA TYR C 44 -2.01 -14.29 -23.96
C TYR C 44 -1.08 -14.23 -25.17
N ASP C 45 -1.02 -15.33 -25.91
CA ASP C 45 -0.25 -15.40 -27.13
C ASP C 45 -0.76 -14.36 -28.14
N GLY C 46 0.16 -13.66 -28.76
CA GLY C 46 -0.16 -12.61 -29.72
C GLY C 46 -0.57 -11.29 -29.11
N PHE C 47 -1.21 -11.32 -27.95
CA PHE C 47 -1.63 -10.09 -27.28
C PHE C 47 -0.45 -9.44 -26.61
N ASP C 48 -0.23 -8.15 -26.91
CA ASP C 48 0.86 -7.39 -26.34
C ASP C 48 0.51 -6.78 -24.98
N CYS C 49 -0.73 -6.94 -24.52
CA CYS C 49 -1.15 -6.38 -23.25
C CYS C 49 -1.21 -7.46 -22.17
N VAL C 50 -1.04 -7.04 -20.93
CA VAL C 50 -1.30 -7.88 -19.77
C VAL C 50 -2.78 -7.73 -19.43
N TYR C 51 -3.50 -8.85 -19.43
CA TYR C 51 -4.92 -8.84 -19.13
C TYR C 51 -5.15 -9.25 -17.69
N GLY C 52 -6.21 -8.71 -17.10
CA GLY C 52 -6.61 -9.08 -15.77
C GLY C 52 -8.05 -9.59 -15.78
N LEU C 53 -8.22 -10.87 -15.57
CA LEU C 53 -9.53 -11.50 -15.64
C LEU C 53 -9.79 -12.32 -14.39
N GLU C 54 -11.01 -12.23 -13.89
CA GLU C 54 -11.48 -13.17 -12.87
C GLU C 54 -11.91 -14.43 -13.63
N LEU C 55 -10.95 -15.34 -13.78
CA LEU C 55 -11.07 -16.46 -14.70
C LEU C 55 -12.29 -17.31 -14.39
N ASN C 56 -12.44 -17.71 -13.13
CA ASN C 56 -13.50 -18.62 -12.73
C ASN C 56 -14.87 -17.95 -12.58
N LYS C 57 -14.95 -16.64 -12.78
CA LYS C 57 -16.21 -15.94 -12.57
C LYS C 57 -16.69 -15.11 -13.74
N ASP C 58 -15.82 -14.77 -14.70
CA ASP C 58 -16.22 -13.90 -15.80
C ASP C 58 -17.13 -14.66 -16.77
N GLU C 59 -18.22 -14.03 -17.18
CA GLU C 59 -19.22 -14.67 -18.03
C GLU C 59 -18.82 -14.72 -19.50
N ARG C 60 -17.71 -14.08 -19.88
CA ARG C 60 -17.21 -14.16 -21.25
C ARG C 60 -16.19 -15.27 -21.44
N VAL C 61 -15.61 -15.77 -20.36
CA VAL C 61 -14.62 -16.86 -20.42
C VAL C 61 -15.37 -18.19 -20.44
N SER C 62 -15.37 -18.86 -21.59
CA SER C 62 -16.01 -20.15 -21.74
C SER C 62 -14.96 -21.26 -21.81
N ALA C 63 -15.36 -22.44 -21.36
CA ALA C 63 -14.55 -23.67 -21.45
C ALA C 63 -13.14 -23.44 -20.90
N LEU C 64 -13.09 -23.14 -19.60
CA LEU C 64 -11.81 -22.95 -18.93
C LEU C 64 -11.12 -24.30 -18.77
N GLU C 65 -10.03 -24.50 -19.50
CA GLU C 65 -9.33 -25.78 -19.54
C GLU C 65 -8.06 -25.71 -18.71
N VAL C 66 -7.78 -26.78 -17.96
CA VAL C 66 -6.59 -26.82 -17.13
C VAL C 66 -5.34 -26.89 -18.02
N LEU C 67 -4.18 -26.63 -17.41
CA LEU C 67 -3.01 -26.28 -18.18
C LEU C 67 -1.91 -27.32 -18.03
N PRO C 68 -1.26 -27.72 -19.13
CA PRO C 68 -0.32 -28.85 -19.07
C PRO C 68 1.04 -28.50 -18.46
N ASP C 69 1.70 -27.47 -18.99
CA ASP C 69 3.05 -27.11 -18.55
C ASP C 69 3.08 -26.78 -17.06
N ARG C 75 11.98 -22.09 -16.40
CA ARG C 75 12.40 -20.78 -15.84
C ARG C 75 13.84 -20.52 -16.26
N ILE C 76 14.07 -19.42 -16.98
CA ILE C 76 15.42 -19.06 -17.49
C ILE C 76 15.66 -17.59 -17.12
N SER C 77 15.60 -17.27 -15.83
CA SER C 77 15.70 -15.85 -15.37
C SER C 77 16.87 -15.07 -15.98
N ASP C 78 18.05 -15.68 -16.03
CA ASP C 78 19.30 -15.12 -16.59
C ASP C 78 20.04 -14.21 -15.60
N ALA C 79 19.40 -13.78 -14.50
CA ALA C 79 20.02 -13.01 -13.41
C ALA C 79 20.87 -11.86 -13.96
N HIS C 80 20.37 -11.07 -14.91
CA HIS C 80 21.31 -10.08 -15.50
C HIS C 80 20.65 -8.79 -15.99
N LEU C 81 21.34 -7.67 -15.72
CA LEU C 81 21.02 -6.35 -16.25
C LEU C 81 19.67 -5.81 -15.77
N ALA C 82 19.08 -6.38 -14.73
CA ALA C 82 17.81 -5.87 -14.22
C ALA C 82 17.92 -4.41 -13.81
N ASP C 83 18.91 -4.10 -12.97
CA ASP C 83 19.01 -2.79 -12.32
C ASP C 83 18.98 -1.63 -13.30
N THR C 84 19.58 -1.80 -14.48
CA THR C 84 19.85 -0.68 -15.37
C THR C 84 18.56 0.01 -15.82
N MET C 85 17.60 -0.76 -16.34
CA MET C 85 16.43 -0.19 -17.01
C MET C 85 15.30 0.13 -16.05
N ILE C 86 15.04 -0.77 -15.09
CA ILE C 86 13.91 -0.65 -14.16
C ILE C 86 13.83 0.77 -13.61
N GLY C 87 12.71 1.44 -13.88
CA GLY C 87 12.52 2.81 -13.46
C GLY C 87 13.00 3.86 -14.44
N LYS C 88 13.92 3.52 -15.34
CA LYS C 88 14.39 4.49 -16.32
C LYS C 88 13.33 4.71 -17.39
N ALA C 89 12.98 5.98 -17.62
CA ALA C 89 12.18 6.32 -18.79
C ALA C 89 12.98 5.98 -20.05
N VAL C 90 12.37 5.18 -20.92
CA VAL C 90 13.06 4.68 -22.11
C VAL C 90 12.29 5.13 -23.35
N GLU C 91 12.96 5.03 -24.48
CA GLU C 91 12.37 5.28 -25.79
C GLU C 91 12.07 3.96 -26.46
N HIS C 92 10.82 3.76 -26.87
CA HIS C 92 10.43 2.55 -27.60
C HIS C 92 9.98 2.96 -28.99
N MET C 93 10.72 2.49 -29.99
CA MET C 93 10.53 2.86 -31.39
C MET C 93 10.41 1.58 -32.21
N PHE C 94 9.19 1.03 -32.29
CA PHE C 94 8.94 -0.06 -33.22
C PHE C 94 8.01 0.45 -34.32
N GLU C 95 8.58 0.48 -35.54
CA GLU C 95 7.98 1.00 -36.80
C GLU C 95 6.56 0.49 -36.96
N THR C 96 5.66 1.37 -37.36
CA THR C 96 4.25 0.97 -37.50
C THR C 96 4.19 -0.13 -38.54
N GLU C 97 4.78 0.10 -39.70
CA GLU C 97 4.92 -0.89 -40.82
C GLU C 97 5.90 -0.31 -41.83
N ASP C 98 6.49 -1.17 -42.66
CA ASP C 98 7.50 -0.68 -43.63
C ASP C 98 8.59 0.03 -42.81
N GLY C 99 8.77 1.32 -43.04
CA GLY C 99 9.75 2.10 -42.24
C GLY C 99 9.07 3.28 -41.58
N SER C 100 9.27 3.46 -40.26
CA SER C 100 8.68 4.61 -39.54
C SER C 100 9.55 4.97 -38.36
N LYS C 101 9.51 6.23 -37.95
CA LYS C 101 10.35 6.65 -36.84
C LYS C 101 9.47 7.25 -35.74
N ASP C 102 8.69 6.41 -35.06
CA ASP C 102 7.84 6.86 -33.97
C ASP C 102 8.31 6.21 -32.67
N GLU C 103 8.78 7.04 -31.76
CA GLU C 103 9.37 6.61 -30.50
C GLU C 103 8.36 6.83 -29.38
N TRP C 104 8.21 5.83 -28.50
CA TRP C 104 7.20 5.86 -27.46
C TRP C 104 7.80 6.29 -26.14
N ARG C 105 7.34 7.42 -25.61
CA ARG C 105 7.73 7.87 -24.28
C ARG C 105 6.98 7.04 -23.25
N GLY C 106 7.73 6.34 -22.40
CA GLY C 106 7.16 5.47 -21.39
C GLY C 106 8.23 4.74 -20.62
N MET C 107 8.02 4.52 -19.33
CA MET C 107 9.04 3.98 -18.45
C MET C 107 8.89 2.46 -18.29
N VAL C 108 9.92 1.87 -17.68
CA VAL C 108 9.95 0.44 -17.42
C VAL C 108 9.48 0.21 -15.98
N LEU C 109 8.97 -0.99 -15.73
CA LEU C 109 8.38 -1.30 -14.43
C LEU C 109 9.14 -2.41 -13.71
N ALA C 110 8.92 -3.66 -14.10
CA ALA C 110 9.59 -4.79 -13.46
C ALA C 110 9.77 -5.91 -14.48
N ARG C 111 10.49 -6.94 -14.07
CA ARG C 111 10.60 -8.14 -14.89
C ARG C 111 9.39 -9.02 -14.66
N ALA C 112 8.95 -9.70 -15.71
CA ALA C 112 7.76 -10.53 -15.62
C ALA C 112 7.95 -11.58 -14.52
N PRO C 113 6.91 -11.90 -13.75
CA PRO C 113 7.05 -12.88 -12.68
C PRO C 113 7.46 -14.26 -13.18
N VAL C 114 6.60 -14.88 -13.97
CA VAL C 114 6.86 -16.24 -14.46
C VAL C 114 7.70 -16.23 -15.73
N MET C 115 7.35 -15.37 -16.68
CA MET C 115 7.89 -15.48 -18.03
C MET C 115 9.39 -15.19 -18.06
N ASN C 116 10.13 -16.08 -18.71
CA ASN C 116 11.57 -15.97 -18.79
C ASN C 116 11.98 -14.80 -19.69
N THR C 117 12.76 -13.87 -19.13
CA THR C 117 13.28 -12.73 -19.88
C THR C 117 12.15 -11.94 -20.55
N TRP C 118 11.02 -11.84 -19.88
CA TRP C 118 9.95 -10.92 -20.24
C TRP C 118 9.88 -9.79 -19.21
N PHE C 119 9.42 -8.62 -19.64
CA PHE C 119 9.47 -7.42 -18.82
C PHE C 119 8.11 -6.72 -18.79
N TYR C 120 7.90 -5.95 -17.73
CA TYR C 120 6.75 -5.06 -17.63
C TYR C 120 7.12 -3.68 -18.17
N ILE C 121 6.18 -3.05 -18.87
CA ILE C 121 6.42 -1.72 -19.43
C ILE C 121 5.07 -1.06 -19.67
N THR C 122 5.06 0.27 -19.58
CA THR C 122 3.91 1.09 -19.95
C THR C 122 4.43 2.33 -20.68
N TYR C 123 3.50 3.17 -21.12
CA TYR C 123 3.83 4.32 -21.96
C TYR C 123 3.08 5.55 -21.47
N GLU C 124 3.67 6.72 -21.73
CA GLU C 124 3.08 7.96 -21.24
C GLU C 124 1.73 8.25 -21.89
N LYS C 125 1.66 8.13 -23.22
CA LYS C 125 0.39 8.35 -23.90
C LYS C 125 -0.56 7.16 -23.72
N ASP C 126 -0.02 5.94 -23.65
CA ASP C 126 -0.80 4.73 -23.44
C ASP C 126 -0.38 4.10 -22.11
N PRO C 127 -1.01 4.53 -21.00
CA PRO C 127 -0.54 4.12 -19.66
C PRO C 127 -1.12 2.82 -19.15
N VAL C 128 -1.10 1.78 -19.98
CA VAL C 128 -1.55 0.47 -19.55
C VAL C 128 -0.36 -0.50 -19.61
N LEU C 129 -0.53 -1.64 -18.95
CA LEU C 129 0.58 -2.57 -18.72
C LEU C 129 0.83 -3.43 -19.95
N TYR C 130 2.03 -3.32 -20.51
CA TYR C 130 2.47 -4.11 -21.64
C TYR C 130 3.54 -5.10 -21.19
N MET C 131 3.98 -5.92 -22.14
CA MET C 131 4.97 -6.96 -21.85
C MET C 131 5.77 -7.23 -23.11
N TYR C 132 7.08 -6.94 -23.05
CA TYR C 132 7.96 -7.11 -24.19
C TYR C 132 9.28 -7.74 -23.73
N GLN C 133 10.01 -8.32 -24.67
CA GLN C 133 11.14 -9.17 -24.33
C GLN C 133 12.21 -9.12 -25.41
N LEU C 134 13.44 -9.42 -24.98
CA LEU C 134 14.52 -9.89 -25.85
C LEU C 134 14.72 -8.99 -27.07
N LEU C 135 15.08 -7.73 -26.81
CA LEU C 135 15.39 -6.79 -27.87
C LEU C 135 16.68 -6.07 -27.56
N ASP C 136 17.20 -5.36 -28.56
CA ASP C 136 18.46 -4.64 -28.46
C ASP C 136 18.26 -3.27 -27.83
N VAL C 163 3.42 7.78 3.40
CA VAL C 163 2.67 6.71 2.76
C VAL C 163 3.61 5.61 2.29
N ASP C 164 3.18 4.35 2.41
CA ASP C 164 3.89 3.24 1.82
C ASP C 164 3.02 2.53 0.76
N SER C 165 1.98 1.83 1.19
CA SER C 165 1.29 0.85 0.35
C SER C 165 -0.17 1.24 0.19
N LEU C 166 -0.54 1.69 -1.00
CA LEU C 166 -1.94 1.89 -1.38
C LEU C 166 -2.58 0.61 -1.90
N VAL C 167 -1.80 -0.47 -2.06
CA VAL C 167 -2.36 -1.74 -2.50
C VAL C 167 -3.41 -2.20 -1.48
N GLY C 168 -4.61 -2.47 -1.99
CA GLY C 168 -5.75 -2.85 -1.16
C GLY C 168 -6.84 -1.81 -1.11
N LYS C 169 -6.51 -0.56 -1.41
CA LYS C 169 -7.50 0.51 -1.40
C LYS C 169 -8.33 0.48 -2.68
N GLN C 170 -9.65 0.59 -2.54
CA GLN C 170 -10.47 0.87 -3.70
C GLN C 170 -10.10 2.24 -4.27
N VAL C 171 -10.54 2.48 -5.49
CA VAL C 171 -10.16 3.70 -6.21
C VAL C 171 -11.37 4.16 -7.01
N GLU C 172 -11.51 5.47 -7.15
CA GLU C 172 -12.59 6.08 -7.90
C GLU C 172 -12.00 7.06 -8.90
N TYR C 173 -12.43 6.96 -10.15
CA TYR C 173 -11.97 7.86 -11.20
C TYR C 173 -13.18 8.46 -11.90
N ALA C 174 -13.01 9.71 -12.37
CA ALA C 174 -14.06 10.40 -13.09
C ALA C 174 -14.02 10.13 -14.58
N LYS C 175 -13.21 9.16 -15.01
CA LYS C 175 -13.03 8.79 -16.42
C LYS C 175 -12.73 10.07 -17.21
N GLU C 176 -13.47 10.37 -18.26
CA GLU C 176 -13.34 11.57 -19.07
C GLU C 176 -14.73 12.04 -19.44
N ASP C 177 -15.62 11.07 -19.65
CA ASP C 177 -17.03 11.30 -19.89
C ASP C 177 -17.94 10.53 -18.95
N GLY C 178 -17.46 9.48 -18.31
CA GLY C 178 -18.27 8.66 -17.43
C GLY C 178 -18.09 9.09 -15.98
N SER C 179 -19.20 9.42 -15.33
CA SER C 179 -19.16 10.04 -14.00
C SER C 179 -18.32 9.22 -13.02
N LYS C 180 -18.68 7.96 -12.81
CA LYS C 180 -18.09 7.14 -11.77
C LYS C 180 -17.38 5.94 -12.38
N ARG C 181 -16.12 5.75 -11.99
CA ARG C 181 -15.32 4.60 -12.40
C ARG C 181 -14.61 4.05 -11.17
N THR C 182 -14.81 2.77 -10.88
CA THR C 182 -14.30 2.15 -9.67
C THR C 182 -13.28 1.08 -10.01
N GLY C 183 -12.34 0.87 -9.10
CA GLY C 183 -11.32 -0.15 -9.28
C GLY C 183 -10.60 -0.39 -7.97
N MET C 184 -9.43 -1.03 -8.08
CA MET C 184 -8.65 -1.29 -6.89
C MET C 184 -7.17 -1.32 -7.22
N VAL C 185 -6.37 -0.78 -6.30
CA VAL C 185 -4.92 -0.88 -6.37
C VAL C 185 -4.52 -2.30 -6.01
N ILE C 186 -3.80 -2.97 -6.90
CA ILE C 186 -3.49 -4.39 -6.75
C ILE C 186 -2.01 -4.67 -6.56
N HIS C 187 -1.13 -3.71 -6.81
CA HIS C 187 0.31 -3.98 -6.83
C HIS C 187 1.06 -2.66 -6.84
N GLN C 188 2.15 -2.61 -6.08
CA GLN C 188 3.13 -1.53 -6.16
C GLN C 188 4.44 -2.10 -6.67
N VAL C 189 5.15 -1.32 -7.48
CA VAL C 189 6.44 -1.85 -7.98
C VAL C 189 7.60 -1.08 -7.35
N GLU C 190 8.70 -1.79 -7.17
CA GLU C 190 9.85 -1.24 -6.40
C GLU C 190 10.34 0.06 -7.01
N ALA C 191 10.64 0.06 -8.30
CA ALA C 191 11.17 1.32 -8.86
C ALA C 191 10.01 2.31 -8.87
N LYS C 192 10.30 3.55 -8.55
CA LYS C 192 9.20 4.55 -8.50
C LYS C 192 8.09 4.06 -7.57
N PRO C 193 8.24 4.11 -6.24
CA PRO C 193 7.18 3.70 -5.31
C PRO C 193 5.83 4.41 -5.48
N SER C 194 5.79 5.61 -6.06
CA SER C 194 4.53 6.29 -6.42
C SER C 194 3.70 5.46 -7.40
N VAL C 195 4.31 4.70 -8.31
CA VAL C 195 3.49 3.99 -9.34
C VAL C 195 2.91 2.70 -8.79
N TYR C 196 1.69 2.41 -9.22
CA TYR C 196 0.85 1.30 -8.78
C TYR C 196 0.09 0.76 -9.98
N PHE C 197 -0.37 -0.47 -9.86
CA PHE C 197 -1.27 -1.08 -10.84
C PHE C 197 -2.71 -0.98 -10.34
N ILE C 198 -3.59 -0.47 -11.20
CA ILE C 198 -5.01 -0.37 -10.90
C ILE C 198 -5.77 -1.32 -11.82
N LYS C 199 -6.68 -2.09 -11.23
CA LYS C 199 -7.58 -2.93 -12.03
C LYS C 199 -8.98 -2.41 -11.86
N PHE C 200 -9.61 -1.92 -12.91
CA PHE C 200 -10.98 -1.44 -12.91
C PHE C 200 -11.93 -2.59 -13.14
N ASP C 201 -13.16 -2.44 -12.65
CA ASP C 201 -14.16 -3.50 -12.78
C ASP C 201 -14.61 -3.68 -14.23
N ASP C 202 -14.69 -2.60 -15.00
CA ASP C 202 -15.32 -2.61 -16.31
C ASP C 202 -14.32 -2.89 -17.44
N ASP C 203 -13.08 -3.20 -17.13
CA ASP C 203 -12.05 -3.38 -18.14
C ASP C 203 -11.11 -4.50 -17.69
N PHE C 204 -10.45 -5.12 -18.66
CA PHE C 204 -9.48 -6.16 -18.39
C PHE C 204 -8.04 -5.69 -18.51
N HIS C 205 -7.80 -4.45 -18.92
CA HIS C 205 -6.45 -3.91 -18.95
C HIS C 205 -6.01 -3.54 -17.54
N ILE C 206 -4.71 -3.63 -17.31
CA ILE C 206 -4.11 -3.17 -16.06
C ILE C 206 -3.55 -1.77 -16.32
N TYR C 207 -4.02 -0.80 -15.54
CA TYR C 207 -3.65 0.60 -15.74
C TYR C 207 -2.56 0.99 -14.75
N VAL C 208 -1.59 1.74 -15.24
CA VAL C 208 -0.48 2.22 -14.44
C VAL C 208 -0.69 3.70 -14.13
N TYR C 209 -0.48 4.07 -12.88
CA TYR C 209 -0.56 5.45 -12.45
C TYR C 209 0.57 5.74 -11.47
N ASP C 210 1.03 6.99 -11.46
CA ASP C 210 1.89 7.50 -10.42
C ASP C 210 1.05 8.38 -9.52
N LEU C 211 0.88 7.97 -8.27
CA LEU C 211 -0.03 8.64 -7.36
C LEU C 211 0.64 9.77 -6.57
N VAL C 212 1.88 10.11 -6.92
CA VAL C 212 2.48 11.37 -6.51
C VAL C 212 1.99 12.43 -7.49
N LYS C 213 0.89 13.10 -7.14
CA LYS C 213 0.17 13.91 -8.11
C LYS C 213 0.80 15.29 -8.29
N THR C 214 1.26 15.90 -7.20
CA THR C 214 1.99 17.18 -7.20
C THR C 214 1.15 18.36 -7.68
N SER C 215 -0.18 18.25 -7.61
CA SER C 215 -1.04 19.35 -8.01
C SER C 215 -2.02 19.72 -6.89
N ARG D 2 -0.16 4.46 -31.41
CA ARG D 2 -0.87 3.23 -31.07
C ARG D 2 -2.12 3.53 -30.25
N LYS D 3 -2.95 4.43 -30.79
CA LYS D 3 -4.28 4.70 -30.25
C LYS D 3 -4.96 5.79 -31.08
#